data_3CDU
#
_entry.id   3CDU
#
_cell.length_a   74.405
_cell.length_b   74.405
_cell.length_c   285.881
_cell.angle_alpha   90.00
_cell.angle_beta   90.00
_cell.angle_gamma   90.00
#
_symmetry.space_group_name_H-M   'P 43 21 2'
#
loop_
_entity.id
_entity.type
_entity.pdbx_description
1 polymer 'RNA-directed RNA polymerase 3D-POL'
2 non-polymer 'CHLORIDE ION'
3 non-polymer 'SULFATE ION'
4 non-polymer 'ACETATE ION'
5 non-polymer 'PYROPHOSPHATE 2-'
6 non-polymer GLYCEROL
7 water water
#
_entity_poly.entity_id   1
_entity_poly.type   'polypeptide(L)'
_entity_poly.pdbx_seq_one_letter_code
;GEIEFIESSKDAGFPVINTPSKTKLEPSVFHQVFEGNKEPAVLRSGDPRLKANFEEAIFSKYIGNVNTHVDEYMLEAVDH
YAGQLATLDISTEPMKLEDAVYGTEGLEALDLTTSAGYPYVALGIKKRDILSKKTKDLTKLKECMDKYGLNLPMVTYVKD
ELRSIEKVAKGKSRLIEASSLNDSVAMRQTFGNLYKTFHLNPGVVTGSAVGCDPDLFWSKIPVMLDGHLIAFDYSGYDAS
LSPVWFACLKMLLEKLGYTHKETNYIDYLCNSHHLYRDKHYFVRGGMPSGCSGTSIFNSMINNIIIRTLMLKVYKGIDLD
QFRMIAYGDDVIASYPWPIDASLLAEAGKGYGLIMTPADKGECFNEVTWTNATFLKRYFRADEQYPFLVHPVMPMKDIHE
SIRWTKDPKNTQDHVRSLCLLAWHNGEHEYEEFIRKIRSVPVGRCLTLPAFSTLRRKWLDSFHHHHHH
;
_entity_poly.pdbx_strand_id   A
#
loop_
_chem_comp.id
_chem_comp.type
_chem_comp.name
_chem_comp.formula
ACT non-polymer 'ACETATE ION' 'C2 H3 O2 -1'
CL non-polymer 'CHLORIDE ION' 'Cl -1'
GOL non-polymer GLYCEROL 'C3 H8 O3'
POP non-polymer 'PYROPHOSPHATE 2-' 'H2 O7 P2 -2'
SO4 non-polymer 'SULFATE ION' 'O4 S -2'
#
# COMPACT_ATOMS: atom_id res chain seq x y z
N GLY A 1 4.48 8.48 -14.72
CA GLY A 1 4.85 9.69 -14.01
C GLY A 1 6.20 10.17 -14.48
N GLU A 2 6.43 11.48 -14.38
CA GLU A 2 7.66 12.08 -14.87
C GLU A 2 8.03 13.38 -14.18
N ILE A 3 9.32 13.53 -13.89
CA ILE A 3 9.84 14.74 -13.25
C ILE A 3 9.95 15.84 -14.31
N GLU A 4 9.27 16.95 -14.10
CA GLU A 4 9.24 18.01 -15.10
C GLU A 4 10.07 19.24 -14.85
N PHE A 5 10.61 19.42 -13.66
CA PHE A 5 11.36 20.63 -13.35
C PHE A 5 12.01 20.36 -12.00
N ILE A 6 13.30 20.64 -11.91
CA ILE A 6 14.08 20.49 -10.67
C ILE A 6 14.83 21.79 -10.40
N GLU A 7 15.01 22.16 -9.14
CA GLU A 7 15.82 23.34 -8.81
C GLU A 7 16.35 23.18 -7.40
N SER A 8 17.42 23.93 -7.09
CA SER A 8 18.01 23.93 -5.75
C SER A 8 16.98 24.62 -4.86
N SER A 9 16.59 23.95 -3.78
CA SER A 9 15.57 24.51 -2.89
C SER A 9 15.87 25.97 -2.47
N LYS A 10 17.12 26.24 -2.13
CA LYS A 10 17.52 27.59 -1.67
C LYS A 10 17.19 28.74 -2.62
N ASP A 11 17.17 28.46 -3.93
CA ASP A 11 16.81 29.45 -4.94
C ASP A 11 15.37 29.83 -4.83
N ALA A 12 14.58 29.03 -4.14
CA ALA A 12 13.16 29.36 -4.02
C ALA A 12 12.78 29.56 -2.56
N GLY A 13 13.77 29.70 -1.69
CA GLY A 13 13.48 29.92 -0.28
C GLY A 13 13.13 28.75 0.62
N PHE A 14 13.25 27.51 0.14
CA PHE A 14 12.92 26.36 1.00
C PHE A 14 14.18 25.93 1.67
N PRO A 15 14.12 25.67 2.99
CA PRO A 15 15.35 25.14 3.63
C PRO A 15 15.54 23.68 3.17
N VAL A 16 16.73 23.16 3.40
CA VAL A 16 17.08 21.78 3.09
C VAL A 16 16.30 20.83 4.01
N ILE A 17 15.69 19.76 3.48
CA ILE A 17 15.01 18.79 4.36
C ILE A 17 16.11 17.92 4.92
N ASN A 18 16.27 17.91 6.22
CA ASN A 18 17.38 17.15 6.77
C ASN A 18 16.85 15.74 7.05
N THR A 19 16.72 14.92 6.02
CA THR A 19 16.19 13.58 6.24
C THR A 19 17.30 12.64 6.73
N PRO A 20 16.96 11.75 7.68
CA PRO A 20 18.00 10.86 8.23
C PRO A 20 18.78 10.09 7.15
N SER A 21 20.10 10.00 7.31
CA SER A 21 20.93 9.30 6.33
C SER A 21 21.43 7.91 6.77
N LYS A 22 21.13 7.57 8.03
CA LYS A 22 21.53 6.30 8.65
C LYS A 22 20.27 5.52 8.99
N THR A 23 20.30 4.22 8.76
CA THR A 23 19.12 3.41 9.01
C THR A 23 18.85 3.26 10.51
N LYS A 24 17.58 3.24 10.88
CA LYS A 24 17.18 2.93 12.24
C LYS A 24 17.19 1.40 12.44
N LEU A 25 17.26 0.61 11.36
CA LEU A 25 17.32 -0.85 11.51
C LEU A 25 18.71 -1.32 11.99
N GLU A 26 18.74 -2.14 13.04
CA GLU A 26 19.97 -2.74 13.57
C GLU A 26 19.75 -4.21 13.72
N PRO A 27 20.82 -5.00 13.69
CA PRO A 27 20.68 -6.45 13.88
C PRO A 27 19.99 -6.72 15.23
N SER A 28 19.00 -7.61 15.25
CA SER A 28 18.30 -7.91 16.51
C SER A 28 19.04 -9.02 17.26
N VAL A 29 18.57 -9.31 18.48
CA VAL A 29 19.11 -10.40 19.27
C VAL A 29 18.94 -11.75 18.51
N PHE A 30 18.00 -11.76 17.55
CA PHE A 30 17.74 -13.00 16.79
C PHE A 30 18.48 -13.08 15.46
N HIS A 31 19.26 -12.06 15.17
CA HIS A 31 20.03 -12.01 13.91
C HIS A 31 20.91 -13.25 13.72
N GLN A 32 21.57 -13.71 14.78
CA GLN A 32 22.40 -14.88 14.61
C GLN A 32 21.66 -16.21 14.73
N VAL A 33 20.47 -16.16 15.33
CA VAL A 33 19.65 -17.37 15.47
C VAL A 33 19.12 -17.85 14.13
N PHE A 34 18.59 -16.92 13.35
CA PHE A 34 17.93 -17.29 12.09
C PHE A 34 18.77 -16.88 10.89
N GLU A 35 18.41 -17.42 9.74
CA GLU A 35 19.07 -17.07 8.48
C GLU A 35 18.28 -16.03 7.69
N GLY A 36 18.97 -15.27 6.83
CA GLY A 36 18.29 -14.27 6.02
C GLY A 36 19.29 -13.60 5.09
N ASN A 37 18.79 -12.95 4.04
CA ASN A 37 19.67 -12.26 3.09
C ASN A 37 19.35 -10.78 2.96
N LYS A 38 18.26 -10.34 3.58
CA LYS A 38 17.87 -8.95 3.47
C LYS A 38 18.62 -8.05 4.42
N GLU A 39 18.81 -6.81 3.97
CA GLU A 39 19.49 -5.79 4.78
C GLU A 39 18.74 -4.51 4.60
N PRO A 40 19.09 -3.50 5.41
CA PRO A 40 18.48 -2.19 5.28
C PRO A 40 18.75 -1.59 3.89
N ALA A 41 17.69 -1.01 3.33
CA ALA A 41 17.77 -0.32 2.05
C ALA A 41 18.85 0.78 2.17
N VAL A 42 19.44 1.11 1.03
CA VAL A 42 20.40 2.21 0.92
C VAL A 42 19.61 3.49 1.14
N LEU A 43 20.13 4.36 2.00
CA LEU A 43 19.45 5.62 2.30
C LEU A 43 20.29 6.84 1.87
N ARG A 44 21.54 6.61 1.47
CA ARG A 44 22.43 7.70 1.05
C ARG A 44 23.36 7.28 -0.10
N SER A 45 23.75 8.27 -0.89
CA SER A 45 24.61 8.06 -2.06
C SER A 45 25.95 7.39 -1.78
N GLY A 46 26.52 7.63 -0.61
CA GLY A 46 27.83 7.11 -0.26
C GLY A 46 27.90 5.69 0.25
N ASP A 47 26.75 5.01 0.34
CA ASP A 47 26.72 3.67 0.91
C ASP A 47 27.70 2.74 0.23
N PRO A 48 28.60 2.11 1.02
CA PRO A 48 29.61 1.25 0.38
C PRO A 48 29.08 -0.04 -0.25
N ARG A 49 27.82 -0.39 -0.01
CA ARG A 49 27.24 -1.61 -0.60
C ARG A 49 26.70 -1.35 -2.01
N LEU A 50 26.58 -0.07 -2.36
CA LEU A 50 26.08 0.33 -3.68
C LEU A 50 26.95 -0.17 -4.84
N LYS A 51 26.29 -0.57 -5.90
CA LYS A 51 26.95 -1.03 -7.11
C LYS A 51 26.24 -0.35 -8.29
N ALA A 52 25.66 0.81 -8.01
CA ALA A 52 24.98 1.59 -9.03
C ALA A 52 24.82 2.96 -8.46
N ASN A 53 24.40 3.91 -9.28
CA ASN A 53 24.24 5.27 -8.81
C ASN A 53 22.91 5.36 -8.04
N PHE A 54 22.98 5.79 -6.77
CA PHE A 54 21.80 5.87 -5.91
C PHE A 54 20.68 6.74 -6.43
N GLU A 55 20.98 8.04 -6.56
CA GLU A 55 19.95 9.00 -6.98
C GLU A 55 19.25 8.61 -8.27
N GLU A 56 20.02 8.09 -9.21
CA GLU A 56 19.44 7.62 -10.47
C GLU A 56 18.48 6.46 -10.18
N ALA A 57 18.92 5.51 -9.37
CA ALA A 57 18.10 4.33 -9.08
C ALA A 57 16.77 4.73 -8.45
N ILE A 58 16.82 5.56 -7.41
CA ILE A 58 15.60 5.92 -6.69
C ILE A 58 14.57 6.68 -7.49
N PHE A 59 15.04 7.52 -8.40
CA PHE A 59 14.12 8.29 -9.24
C PHE A 59 13.73 7.61 -10.56
N SER A 60 14.36 6.47 -10.83
CA SER A 60 14.16 5.71 -12.09
C SER A 60 12.77 5.13 -12.34
N LYS A 61 11.92 5.06 -11.31
CA LYS A 61 10.57 4.52 -11.55
C LYS A 61 9.66 5.53 -12.25
N TYR A 62 10.11 6.78 -12.34
CA TYR A 62 9.37 7.81 -13.07
C TYR A 62 9.72 7.61 -14.56
N ILE A 63 9.15 6.56 -15.16
CA ILE A 63 9.47 6.13 -16.53
C ILE A 63 8.85 6.97 -17.61
N GLY A 64 7.97 7.88 -17.25
CA GLY A 64 7.33 8.70 -18.23
C GLY A 64 5.82 8.55 -18.23
N ASN A 65 5.20 9.27 -19.16
CA ASN A 65 3.76 9.27 -19.34
C ASN A 65 3.39 8.95 -20.78
N VAL A 66 2.25 8.30 -20.98
CA VAL A 66 1.75 8.07 -22.33
C VAL A 66 0.81 9.26 -22.43
N ASN A 67 0.83 9.97 -23.54
CA ASN A 67 -0.03 11.14 -23.59
C ASN A 67 -1.29 10.89 -24.38
N THR A 68 -2.22 10.18 -23.76
CA THR A 68 -3.46 9.81 -24.42
C THR A 68 -4.66 10.44 -23.74
N HIS A 69 -5.76 10.47 -24.49
CA HIS A 69 -7.06 10.90 -23.99
C HIS A 69 -7.67 9.66 -23.28
N VAL A 70 -8.73 9.85 -22.52
CA VAL A 70 -9.44 8.73 -21.95
C VAL A 70 -10.16 8.04 -23.14
N ASP A 71 -9.80 6.80 -23.45
CA ASP A 71 -10.36 6.09 -24.60
C ASP A 71 -11.63 5.27 -24.35
N GLU A 72 -12.15 4.63 -25.39
CA GLU A 72 -13.41 3.85 -25.27
C GLU A 72 -13.29 2.74 -24.25
N TYR A 73 -12.18 2.02 -24.28
CA TYR A 73 -11.99 0.94 -23.31
C TYR A 73 -12.04 1.47 -21.87
N MET A 74 -11.32 2.55 -21.61
CA MET A 74 -11.33 3.17 -20.28
C MET A 74 -12.72 3.60 -19.84
N LEU A 75 -13.47 4.18 -20.76
CA LEU A 75 -14.81 4.67 -20.44
C LEU A 75 -15.75 3.55 -20.00
N GLU A 76 -15.75 2.45 -20.74
CA GLU A 76 -16.60 1.34 -20.37
C GLU A 76 -16.10 0.72 -19.05
N ALA A 77 -14.78 0.71 -18.84
CA ALA A 77 -14.22 0.17 -17.58
C ALA A 77 -14.68 1.01 -16.37
N VAL A 78 -14.69 2.32 -16.56
CA VAL A 78 -15.09 3.24 -15.49
C VAL A 78 -16.53 3.00 -15.17
N ASP A 79 -17.34 2.94 -16.23
CA ASP A 79 -18.78 2.69 -16.08
C ASP A 79 -19.03 1.37 -15.36
N HIS A 80 -18.33 0.31 -15.76
CA HIS A 80 -18.55 -0.99 -15.09
C HIS A 80 -18.20 -0.95 -13.57
N TYR A 81 -17.04 -0.40 -13.25
CA TYR A 81 -16.61 -0.31 -11.85
C TYR A 81 -17.48 0.68 -11.04
N ALA A 82 -17.88 1.79 -11.66
CA ALA A 82 -18.79 2.73 -10.96
C ALA A 82 -20.14 2.07 -10.63
N GLY A 83 -20.56 1.14 -11.49
CA GLY A 83 -21.78 0.36 -11.24
C GLY A 83 -21.70 -0.44 -9.95
N GLN A 84 -20.56 -1.06 -9.70
CA GLN A 84 -20.38 -1.81 -8.45
C GLN A 84 -20.31 -0.85 -7.27
N LEU A 85 -19.47 0.18 -7.37
CA LEU A 85 -19.34 1.10 -6.24
C LEU A 85 -20.68 1.73 -5.82
N ALA A 86 -21.54 2.00 -6.80
CA ALA A 86 -22.88 2.56 -6.57
C ALA A 86 -23.72 1.76 -5.60
N THR A 87 -23.62 0.44 -5.64
CA THR A 87 -24.41 -0.40 -4.72
C THR A 87 -24.04 -0.17 -3.26
N LEU A 88 -22.91 0.51 -3.03
CA LEU A 88 -22.37 0.72 -1.68
C LEU A 88 -22.88 1.99 -0.99
N ASP A 89 -23.52 2.87 -1.76
CA ASP A 89 -24.08 4.10 -1.21
C ASP A 89 -23.06 4.90 -0.40
N ILE A 90 -21.92 5.18 -1.04
CA ILE A 90 -20.84 5.93 -0.43
C ILE A 90 -21.32 7.38 -0.28
N SER A 91 -21.25 7.92 0.93
CA SER A 91 -21.62 9.31 1.13
C SER A 91 -20.52 10.20 0.65
N THR A 92 -20.87 11.20 -0.17
CA THR A 92 -19.89 12.20 -0.61
C THR A 92 -19.95 13.44 0.29
N GLU A 93 -20.63 13.34 1.41
CA GLU A 93 -20.65 14.44 2.38
C GLU A 93 -19.30 14.46 3.10
N PRO A 94 -18.77 15.66 3.42
CA PRO A 94 -17.49 15.74 4.13
C PRO A 94 -17.57 15.00 5.45
N MET A 95 -16.46 14.43 5.89
CA MET A 95 -16.45 13.74 7.16
C MET A 95 -16.15 14.82 8.20
N LYS A 96 -16.88 14.80 9.31
CA LYS A 96 -16.68 15.80 10.36
C LYS A 96 -15.21 15.79 10.83
N LEU A 97 -14.62 16.97 10.96
CA LEU A 97 -13.23 17.14 11.38
C LEU A 97 -12.72 16.22 12.48
N GLU A 98 -13.47 16.08 13.57
CA GLU A 98 -13.00 15.24 14.68
C GLU A 98 -12.93 13.76 14.30
N ASP A 99 -13.91 13.32 13.50
CA ASP A 99 -13.96 11.93 13.04
C ASP A 99 -12.75 11.69 12.10
N ALA A 100 -12.47 12.66 11.26
CA ALA A 100 -11.37 12.58 10.30
C ALA A 100 -9.99 12.52 10.95
N VAL A 101 -9.84 13.18 12.11
CA VAL A 101 -8.55 13.27 12.80
C VAL A 101 -8.34 12.27 13.89
N TYR A 102 -9.34 12.13 14.75
CA TYR A 102 -9.17 11.30 15.93
C TYR A 102 -9.74 9.90 15.93
N GLY A 103 -10.30 9.48 14.81
CA GLY A 103 -10.75 8.10 14.72
C GLY A 103 -12.24 7.98 14.62
N THR A 104 -12.69 6.90 14.01
CA THR A 104 -14.12 6.64 13.86
C THR A 104 -14.23 5.27 13.24
N GLU A 105 -15.45 4.74 13.14
CA GLU A 105 -15.59 3.39 12.60
C GLU A 105 -15.17 3.31 11.13
N GLY A 106 -14.23 2.43 10.85
CA GLY A 106 -13.76 2.28 9.48
C GLY A 106 -12.63 3.22 9.09
N LEU A 107 -12.24 4.14 9.99
CA LEU A 107 -11.13 5.06 9.72
C LEU A 107 -10.36 5.38 11.00
N GLU A 108 -9.26 4.66 11.22
CA GLU A 108 -8.43 4.90 12.38
C GLU A 108 -7.93 6.32 12.43
N ALA A 109 -7.61 6.72 13.66
CA ALA A 109 -7.06 8.06 13.93
C ALA A 109 -5.81 8.33 13.09
N LEU A 110 -5.65 9.59 12.71
CA LEU A 110 -4.49 10.02 11.96
C LEU A 110 -3.27 9.61 12.78
N ASP A 111 -2.34 8.92 12.15
CA ASP A 111 -1.14 8.44 12.85
C ASP A 111 -0.33 9.64 13.34
N LEU A 112 -0.14 9.75 14.65
CA LEU A 112 0.62 10.84 15.23
C LEU A 112 2.12 10.57 15.23
N THR A 113 2.55 9.45 14.66
CA THR A 113 3.97 9.12 14.67
C THR A 113 4.67 9.39 13.34
N THR A 114 3.89 9.56 12.27
CA THR A 114 4.50 9.83 10.97
C THR A 114 4.77 11.32 10.83
N SER A 115 5.50 11.68 9.78
CA SER A 115 5.87 13.06 9.47
C SER A 115 4.69 14.02 9.29
N ALA A 116 4.75 15.20 9.93
CA ALA A 116 3.74 16.24 9.71
C ALA A 116 3.96 16.97 8.40
N GLY A 117 5.03 16.63 7.69
CA GLY A 117 5.35 17.29 6.43
C GLY A 117 5.73 18.76 6.50
N TYR A 118 5.60 19.46 5.38
CA TYR A 118 5.97 20.87 5.28
C TYR A 118 4.79 21.79 5.66
N PRO A 119 5.06 22.93 6.33
CA PRO A 119 6.35 23.52 6.76
C PRO A 119 6.81 23.00 8.10
N TYR A 120 5.92 22.25 8.75
CA TYR A 120 6.19 21.71 10.08
C TYR A 120 7.56 21.09 10.29
N VAL A 121 8.02 20.25 9.35
CA VAL A 121 9.31 19.60 9.54
C VAL A 121 10.44 20.61 9.57
N ALA A 122 10.24 21.77 8.96
CA ALA A 122 11.31 22.78 8.90
C ALA A 122 11.33 23.63 10.18
N LEU A 123 10.20 23.64 10.89
CA LEU A 123 9.99 24.44 12.10
C LEU A 123 10.10 23.62 13.38
N GLY A 124 10.46 22.34 13.26
CA GLY A 124 10.53 21.47 14.40
C GLY A 124 9.16 21.24 15.03
N ILE A 125 8.08 21.44 14.29
CA ILE A 125 6.73 21.18 14.83
C ILE A 125 6.28 19.77 14.41
N LYS A 126 6.01 18.93 15.40
CA LYS A 126 5.63 17.54 15.23
C LYS A 126 4.12 17.38 15.31
N LYS A 127 3.56 16.29 14.79
CA LYS A 127 2.10 16.12 14.85
C LYS A 127 1.58 16.27 16.29
N ARG A 128 2.33 15.71 17.23
CA ARG A 128 1.96 15.74 18.65
C ARG A 128 1.95 17.15 19.27
N ASP A 129 2.62 18.11 18.63
CA ASP A 129 2.61 19.50 19.13
C ASP A 129 1.34 20.16 18.68
N ILE A 130 0.60 19.50 17.79
CA ILE A 130 -0.60 20.14 17.24
C ILE A 130 -1.83 19.39 17.68
N LEU A 131 -1.71 18.06 17.70
CA LEU A 131 -2.83 17.16 18.00
C LEU A 131 -2.69 16.47 19.34
N SER A 132 -3.84 16.07 19.89
CA SER A 132 -3.85 15.39 21.18
C SER A 132 -4.87 14.28 21.26
N LYS A 133 -4.38 13.05 21.41
CA LYS A 133 -5.30 11.92 21.56
C LYS A 133 -6.23 12.15 22.77
N LYS A 134 -5.62 12.48 23.92
CA LYS A 134 -6.34 12.71 25.18
C LYS A 134 -7.46 13.74 25.11
N THR A 135 -7.15 14.91 24.55
CA THR A 135 -8.12 16.01 24.52
C THR A 135 -8.96 16.11 23.26
N LYS A 136 -8.51 15.47 22.18
CA LYS A 136 -9.21 15.56 20.90
C LYS A 136 -9.28 17.02 20.48
N ASP A 137 -8.29 17.79 20.91
CA ASP A 137 -8.25 19.20 20.58
C ASP A 137 -8.04 19.40 19.08
N LEU A 138 -8.71 20.40 18.53
CA LEU A 138 -8.67 20.74 17.11
C LEU A 138 -8.37 22.24 16.90
N THR A 139 -8.36 23.00 18.00
CA THR A 139 -8.10 24.46 17.93
C THR A 139 -6.76 24.81 17.28
N LYS A 140 -5.70 24.12 17.68
CA LYS A 140 -4.35 24.35 17.14
C LYS A 140 -4.29 23.91 15.65
N LEU A 141 -4.91 22.76 15.35
CA LEU A 141 -4.92 22.24 13.98
C LEU A 141 -5.56 23.27 13.07
N LYS A 142 -6.73 23.76 13.48
CA LYS A 142 -7.42 24.78 12.69
C LYS A 142 -6.56 26.04 12.51
N GLU A 143 -5.83 26.45 13.55
CA GLU A 143 -5.00 27.64 13.42
C GLU A 143 -3.98 27.37 12.35
N CYS A 144 -3.44 26.15 12.40
CA CYS A 144 -2.39 25.72 11.48
C CYS A 144 -2.94 25.63 10.06
N MET A 145 -4.12 25.08 9.92
CA MET A 145 -4.71 24.97 8.60
C MET A 145 -4.99 26.34 8.01
N ASP A 146 -5.43 27.27 8.86
CA ASP A 146 -5.67 28.66 8.39
C ASP A 146 -4.39 29.37 8.07
N LYS A 147 -3.39 29.24 8.92
CA LYS A 147 -2.15 29.95 8.71
C LYS A 147 -1.45 29.50 7.44
N TYR A 148 -1.20 28.21 7.33
CA TYR A 148 -0.48 27.68 6.18
C TYR A 148 -1.30 27.25 4.95
N GLY A 149 -2.60 27.02 5.12
CA GLY A 149 -3.42 26.67 3.98
C GLY A 149 -3.17 25.26 3.42
N LEU A 150 -3.58 25.06 2.17
CA LEU A 150 -3.52 23.76 1.51
C LEU A 150 -2.66 23.73 0.25
N ASN A 151 -2.59 22.56 -0.38
CA ASN A 151 -1.75 22.44 -1.58
C ASN A 151 -0.29 22.75 -1.35
N LEU A 152 0.20 22.32 -0.18
CA LEU A 152 1.61 22.51 0.20
C LEU A 152 2.52 21.47 -0.41
N PRO A 153 3.82 21.75 -0.48
CA PRO A 153 4.62 20.71 -1.11
C PRO A 153 4.65 19.41 -0.29
N MET A 154 4.97 18.29 -0.95
CA MET A 154 5.15 17.00 -0.26
C MET A 154 6.62 16.88 0.09
N VAL A 155 6.94 16.14 1.14
CA VAL A 155 8.32 15.88 1.44
C VAL A 155 8.66 14.43 1.05
N THR A 156 9.72 14.29 0.25
CA THR A 156 10.17 13.00 -0.21
C THR A 156 11.19 12.40 0.70
N TYR A 157 10.95 11.17 1.14
CA TYR A 157 11.86 10.46 2.00
C TYR A 157 12.18 9.14 1.31
N VAL A 158 13.32 8.55 1.65
CA VAL A 158 13.66 7.21 1.18
C VAL A 158 13.09 6.27 2.25
N LYS A 159 12.40 5.21 1.84
CA LYS A 159 11.82 4.31 2.86
C LYS A 159 12.89 3.48 3.54
N ASP A 160 12.96 3.53 4.88
CA ASP A 160 13.94 2.77 5.68
C ASP A 160 13.32 1.36 5.96
N GLU A 161 13.76 0.32 5.25
CA GLU A 161 13.10 -0.97 5.37
C GLU A 161 14.06 -2.00 4.83
N LEU A 162 13.80 -3.28 5.11
CA LEU A 162 14.69 -4.32 4.62
C LEU A 162 14.48 -4.53 3.12
N ARG A 163 15.56 -4.85 2.41
CA ARG A 163 15.49 -5.10 0.95
C ARG A 163 16.41 -6.25 0.59
N SER A 164 16.14 -6.88 -0.54
CA SER A 164 17.00 -7.97 -0.99
C SER A 164 18.42 -7.49 -1.32
N ILE A 165 19.34 -8.45 -1.39
CA ILE A 165 20.75 -8.20 -1.74
C ILE A 165 20.86 -7.42 -3.05
N GLU A 166 20.11 -7.88 -4.03
CA GLU A 166 20.13 -7.25 -5.34
C GLU A 166 19.59 -5.80 -5.31
N LYS A 167 18.55 -5.54 -4.54
CA LYS A 167 17.95 -4.19 -4.47
C LYS A 167 18.87 -3.21 -3.68
N VAL A 168 19.67 -3.76 -2.77
CA VAL A 168 20.63 -2.94 -2.01
C VAL A 168 21.73 -2.52 -3.02
N ALA A 169 22.32 -3.51 -3.70
CA ALA A 169 23.39 -3.30 -4.69
C ALA A 169 23.02 -2.29 -5.77
N LYS A 170 21.78 -2.37 -6.26
CA LYS A 170 21.30 -1.46 -7.28
C LYS A 170 20.74 -0.16 -6.72
N GLY A 171 20.78 0.00 -5.41
CA GLY A 171 20.25 1.22 -4.82
C GLY A 171 18.78 1.38 -5.11
N LYS A 172 18.07 0.27 -5.37
CA LYS A 172 16.65 0.36 -5.66
C LYS A 172 15.79 0.55 -4.38
N SER A 173 16.03 1.65 -3.66
CA SER A 173 15.30 1.96 -2.44
C SER A 173 14.00 2.64 -2.85
N ARG A 174 12.96 2.52 -2.02
CA ARG A 174 11.67 3.11 -2.36
C ARG A 174 11.49 4.50 -1.75
N LEU A 175 10.81 5.38 -2.48
CA LEU A 175 10.53 6.72 -1.99
C LEU A 175 9.08 6.76 -1.53
N ILE A 176 8.83 7.50 -0.46
CA ILE A 176 7.49 7.74 0.01
C ILE A 176 7.37 9.26 0.23
N GLU A 177 6.15 9.77 0.14
CA GLU A 177 5.91 11.18 0.26
C GLU A 177 5.16 11.42 1.52
N ALA A 178 5.48 12.51 2.19
CA ALA A 178 4.78 12.93 3.39
C ALA A 178 3.98 14.13 2.94
N SER A 179 2.65 13.97 2.88
CA SER A 179 1.75 15.08 2.57
C SER A 179 1.78 15.99 3.80
N SER A 180 1.60 17.31 3.61
CA SER A 180 1.54 18.18 4.78
C SER A 180 0.34 17.76 5.62
N LEU A 181 0.47 17.89 6.95
CA LEU A 181 -0.65 17.58 7.82
C LEU A 181 -1.93 18.33 7.35
N ASN A 182 -1.79 19.53 6.80
CA ASN A 182 -2.97 20.27 6.37
C ASN A 182 -3.68 19.54 5.22
N ASP A 183 -2.91 19.06 4.25
CA ASP A 183 -3.49 18.37 3.08
C ASP A 183 -4.04 16.98 3.44
N SER A 184 -3.37 16.31 4.40
CA SER A 184 -3.82 14.99 4.85
C SER A 184 -5.21 15.12 5.46
N VAL A 185 -5.34 16.14 6.31
CA VAL A 185 -6.59 16.40 6.98
C VAL A 185 -7.71 16.77 6.03
N ALA A 186 -7.45 17.71 5.14
CA ALA A 186 -8.48 18.12 4.19
C ALA A 186 -8.91 16.93 3.29
N MET A 187 -7.96 16.07 2.93
CA MET A 187 -8.27 14.86 2.11
C MET A 187 -9.07 13.85 2.90
N ARG A 188 -8.76 13.68 4.17
CA ARG A 188 -9.54 12.76 5.00
C ARG A 188 -10.95 13.30 5.23
N GLN A 189 -11.16 14.62 5.21
CA GLN A 189 -12.52 15.15 5.35
C GLN A 189 -13.27 14.91 4.05
N THR A 190 -12.61 15.22 2.94
CA THR A 190 -13.23 15.08 1.63
C THR A 190 -13.58 13.63 1.30
N PHE A 191 -12.65 12.71 1.56
CA PHE A 191 -12.84 11.29 1.15
C PHE A 191 -13.02 10.33 2.30
N GLY A 192 -13.07 10.84 3.51
CA GLY A 192 -13.19 9.93 4.63
C GLY A 192 -14.29 8.90 4.55
N ASN A 193 -15.47 9.27 4.10
CA ASN A 193 -16.58 8.29 4.07
C ASN A 193 -16.30 7.19 3.02
N LEU A 194 -15.62 7.57 1.94
CA LEU A 194 -15.20 6.60 0.94
C LEU A 194 -14.13 5.71 1.56
N TYR A 195 -13.19 6.29 2.30
CA TYR A 195 -12.15 5.48 2.97
C TYR A 195 -12.81 4.47 3.90
N LYS A 196 -13.74 4.95 4.71
CA LYS A 196 -14.48 4.08 5.67
C LYS A 196 -15.25 2.95 4.96
N THR A 197 -16.00 3.28 3.90
CA THR A 197 -16.76 2.26 3.16
C THR A 197 -15.82 1.22 2.58
N PHE A 198 -14.70 1.68 2.04
CA PHE A 198 -13.73 0.74 1.50
C PHE A 198 -13.20 -0.11 2.61
N HIS A 199 -12.73 0.50 3.71
CA HIS A 199 -12.18 -0.31 4.79
C HIS A 199 -13.19 -1.32 5.34
N LEU A 200 -14.46 -0.93 5.42
CA LEU A 200 -15.43 -1.87 6.00
C LEU A 200 -15.90 -2.93 5.00
N ASN A 201 -15.55 -2.77 3.71
CA ASN A 201 -16.00 -3.70 2.67
C ASN A 201 -14.90 -4.21 1.76
N PRO A 202 -13.88 -4.88 2.32
CA PRO A 202 -12.84 -5.43 1.46
C PRO A 202 -13.52 -6.57 0.66
N GLY A 203 -13.12 -6.77 -0.61
CA GLY A 203 -13.76 -7.81 -1.41
C GLY A 203 -13.98 -7.42 -2.87
N VAL A 204 -14.89 -8.12 -3.53
CA VAL A 204 -15.12 -7.96 -4.97
C VAL A 204 -16.07 -6.86 -5.40
N VAL A 205 -16.69 -6.15 -4.44
CA VAL A 205 -17.58 -5.04 -4.82
C VAL A 205 -16.74 -3.73 -4.87
N THR A 206 -15.96 -3.49 -3.81
CA THR A 206 -15.02 -2.39 -3.83
C THR A 206 -13.85 -2.82 -4.71
N GLY A 207 -13.64 -4.13 -4.84
CA GLY A 207 -12.47 -4.61 -5.58
C GLY A 207 -11.19 -4.20 -4.86
N SER A 208 -11.29 -4.12 -3.53
CA SER A 208 -10.17 -3.67 -2.69
C SER A 208 -9.94 -4.57 -1.50
N ALA A 209 -8.68 -4.70 -1.08
CA ALA A 209 -8.37 -5.47 0.14
C ALA A 209 -7.79 -4.49 1.19
N VAL A 210 -7.70 -3.20 0.88
CA VAL A 210 -7.12 -2.24 1.82
C VAL A 210 -7.83 -2.30 3.19
N GLY A 211 -7.05 -2.46 4.26
CA GLY A 211 -7.59 -2.53 5.60
C GLY A 211 -8.11 -3.90 6.01
N CYS A 212 -7.93 -4.92 5.17
CA CYS A 212 -8.46 -6.25 5.50
C CYS A 212 -7.66 -6.90 6.62
N ASP A 213 -8.22 -7.97 7.19
CA ASP A 213 -7.53 -8.73 8.21
C ASP A 213 -7.38 -10.10 7.58
N PRO A 214 -6.18 -10.43 7.11
CA PRO A 214 -6.02 -11.68 6.36
C PRO A 214 -6.51 -12.94 7.08
N ASP A 215 -6.36 -12.99 8.41
CA ASP A 215 -6.79 -14.15 9.21
C ASP A 215 -8.25 -14.45 8.94
N LEU A 216 -9.05 -13.42 8.73
CA LEU A 216 -10.50 -13.53 8.47
C LEU A 216 -10.81 -13.52 6.95
N PHE A 217 -10.16 -12.62 6.25
CA PHE A 217 -10.43 -12.38 4.83
C PHE A 217 -10.07 -13.53 3.90
N TRP A 218 -9.02 -14.25 4.22
CA TRP A 218 -8.54 -15.30 3.34
C TRP A 218 -9.60 -16.37 2.99
N SER A 219 -10.48 -16.67 3.95
CA SER A 219 -11.51 -17.70 3.81
C SER A 219 -12.60 -17.22 2.87
N LYS A 220 -12.71 -15.91 2.68
CA LYS A 220 -13.70 -15.35 1.78
C LYS A 220 -13.20 -15.30 0.32
N ILE A 221 -11.92 -15.06 0.16
CA ILE A 221 -11.37 -14.87 -1.18
C ILE A 221 -11.71 -15.99 -2.16
N PRO A 222 -11.60 -17.27 -1.74
CA PRO A 222 -11.91 -18.27 -2.78
C PRO A 222 -13.40 -18.39 -3.02
N VAL A 223 -14.21 -17.82 -2.13
CA VAL A 223 -15.65 -17.85 -2.36
C VAL A 223 -16.00 -16.76 -3.38
N MET A 224 -15.27 -15.67 -3.31
CA MET A 224 -15.48 -14.52 -4.17
C MET A 224 -14.88 -14.75 -5.55
N LEU A 225 -13.72 -15.38 -5.59
CA LEU A 225 -12.97 -15.63 -6.84
C LEU A 225 -13.07 -17.12 -7.19
N ASP A 226 -14.19 -17.52 -7.79
CA ASP A 226 -14.39 -18.95 -8.05
C ASP A 226 -14.15 -19.48 -9.48
N GLY A 227 -13.53 -18.70 -10.35
CA GLY A 227 -13.24 -19.15 -11.71
C GLY A 227 -11.76 -19.45 -11.90
N HIS A 228 -11.24 -19.19 -13.09
CA HIS A 228 -9.83 -19.45 -13.35
C HIS A 228 -9.11 -18.19 -12.85
N LEU A 229 -8.16 -18.37 -11.94
CA LEU A 229 -7.46 -17.24 -11.32
C LEU A 229 -6.60 -16.48 -12.31
N ILE A 230 -6.48 -15.19 -12.06
CA ILE A 230 -5.64 -14.28 -12.81
C ILE A 230 -4.80 -13.51 -11.76
N ALA A 231 -3.51 -13.43 -12.02
CA ALA A 231 -2.62 -12.70 -11.13
C ALA A 231 -1.35 -12.38 -11.93
N PHE A 232 -0.75 -11.23 -11.63
CA PHE A 232 0.51 -10.83 -12.25
C PHE A 232 1.04 -9.72 -11.39
N ASP A 233 2.28 -9.30 -11.65
CA ASP A 233 2.89 -8.23 -10.88
C ASP A 233 3.07 -7.01 -11.75
N TYR A 234 3.24 -5.86 -11.10
CA TYR A 234 3.62 -4.67 -11.84
C TYR A 234 5.05 -4.29 -11.38
N SER A 235 5.80 -3.59 -12.22
CA SER A 235 7.09 -3.09 -11.77
C SER A 235 6.86 -1.58 -11.60
N GLY A 236 7.17 -1.03 -10.42
CA GLY A 236 7.01 0.40 -10.21
C GLY A 236 5.66 0.94 -10.61
N TYR A 237 4.61 0.24 -10.18
CA TYR A 237 3.24 0.65 -10.49
C TYR A 237 2.99 2.14 -10.23
N ASP A 238 3.17 2.58 -9.00
CA ASP A 238 2.81 3.96 -8.60
C ASP A 238 3.39 5.01 -9.52
N ALA A 239 4.69 4.97 -9.68
CA ALA A 239 5.33 6.00 -10.51
C ALA A 239 5.05 5.85 -12.01
N SER A 240 4.59 4.67 -12.45
CA SER A 240 4.30 4.47 -13.88
C SER A 240 2.96 5.06 -14.29
N LEU A 241 2.11 5.36 -13.32
CA LEU A 241 0.78 5.84 -13.64
C LEU A 241 0.81 7.16 -14.38
N SER A 242 0.22 7.19 -15.57
CA SER A 242 0.17 8.41 -16.38
C SER A 242 -1.07 9.15 -15.96
N PRO A 243 -1.15 10.46 -16.31
CA PRO A 243 -2.29 11.30 -15.94
C PRO A 243 -3.63 10.76 -16.41
N VAL A 244 -3.62 10.06 -17.54
CA VAL A 244 -4.88 9.53 -18.08
C VAL A 244 -5.58 8.65 -17.04
N TRP A 245 -4.81 7.84 -16.31
CA TRP A 245 -5.42 7.02 -15.22
C TRP A 245 -6.03 7.89 -14.12
N PHE A 246 -5.42 9.02 -13.83
CA PHE A 246 -6.02 9.96 -12.84
C PHE A 246 -7.27 10.62 -13.42
N ALA A 247 -7.26 10.87 -14.73
CA ALA A 247 -8.46 11.43 -15.38
C ALA A 247 -9.57 10.41 -15.21
N CYS A 248 -9.27 9.13 -15.46
CA CYS A 248 -10.28 8.05 -15.27
C CYS A 248 -10.73 8.00 -13.82
N LEU A 249 -9.79 8.18 -12.90
CA LEU A 249 -10.17 8.15 -11.48
C LEU A 249 -11.10 9.32 -11.18
N LYS A 250 -10.82 10.49 -11.74
CA LYS A 250 -11.71 11.63 -11.50
C LYS A 250 -13.13 11.39 -12.04
N MET A 251 -13.25 10.76 -13.21
CA MET A 251 -14.57 10.46 -13.79
C MET A 251 -15.32 9.52 -12.89
N LEU A 252 -14.58 8.56 -12.34
CA LEU A 252 -15.19 7.58 -11.46
C LEU A 252 -15.75 8.24 -10.21
N LEU A 253 -14.99 9.15 -9.62
CA LEU A 253 -15.47 9.82 -8.40
C LEU A 253 -16.65 10.74 -8.71
N GLU A 254 -16.65 11.34 -9.90
CA GLU A 254 -17.79 12.18 -10.28
C GLU A 254 -19.08 11.40 -10.45
N LYS A 255 -18.97 10.21 -11.05
CA LYS A 255 -20.13 9.32 -11.12
C LYS A 255 -20.60 9.01 -9.72
N LEU A 256 -19.68 8.87 -8.76
CA LEU A 256 -20.09 8.56 -7.37
C LEU A 256 -20.76 9.76 -6.65
N GLY A 257 -20.73 10.92 -7.28
CA GLY A 257 -21.40 12.06 -6.68
C GLY A 257 -20.50 13.18 -6.21
N TYR A 258 -19.18 13.02 -6.36
CA TYR A 258 -18.27 14.07 -5.94
C TYR A 258 -18.33 15.16 -6.97
N THR A 259 -18.22 16.40 -6.51
CA THR A 259 -18.23 17.55 -7.41
C THR A 259 -16.86 17.67 -8.04
N HIS A 260 -16.76 18.43 -9.12
CA HIS A 260 -15.48 18.66 -9.78
C HIS A 260 -14.47 19.26 -8.79
N LYS A 261 -14.94 20.18 -7.96
CA LYS A 261 -14.07 20.86 -7.01
C LYS A 261 -13.51 19.87 -5.98
N GLU A 262 -14.35 18.91 -5.59
CA GLU A 262 -13.95 17.85 -4.68
C GLU A 262 -12.87 16.92 -5.25
N THR A 263 -12.88 16.71 -6.57
CA THR A 263 -11.87 15.86 -7.21
C THR A 263 -10.57 16.59 -7.48
N ASN A 264 -10.51 17.87 -7.10
CA ASN A 264 -9.31 18.69 -7.31
C ASN A 264 -8.13 18.11 -6.55
N TYR A 265 -8.41 17.45 -5.43
CA TYR A 265 -7.34 16.80 -4.68
C TYR A 265 -6.68 15.69 -5.49
N ILE A 266 -7.36 15.19 -6.52
CA ILE A 266 -6.74 14.19 -7.41
C ILE A 266 -5.67 14.89 -8.29
N ASP A 267 -5.88 16.17 -8.62
CA ASP A 267 -4.86 16.89 -9.40
C ASP A 267 -3.62 17.12 -8.51
N TYR A 268 -3.86 17.35 -7.22
CA TYR A 268 -2.77 17.50 -6.23
C TYR A 268 -1.90 16.22 -6.17
N LEU A 269 -2.52 15.05 -6.26
CA LEU A 269 -1.75 13.79 -6.24
C LEU A 269 -1.02 13.58 -7.55
N CYS A 270 -1.70 13.86 -8.66
CA CYS A 270 -1.11 13.67 -9.99
C CYS A 270 0.02 14.64 -10.39
N ASN A 271 -0.28 15.93 -10.35
CA ASN A 271 0.68 16.98 -10.72
C ASN A 271 1.16 17.62 -9.42
N SER A 272 2.27 17.10 -8.95
CA SER A 272 2.72 17.33 -7.59
C SER A 272 4.02 18.10 -7.44
N HIS A 273 4.21 18.64 -6.24
N HIS A 273 4.17 18.76 -6.29
CA HIS A 273 5.30 19.53 -5.87
CA HIS A 273 5.38 19.51 -5.99
C HIS A 273 6.03 18.90 -4.69
C HIS A 273 6.04 18.93 -4.74
N HIS A 274 7.34 18.69 -4.82
CA HIS A 274 8.07 18.00 -3.78
C HIS A 274 9.33 18.67 -3.30
N LEU A 275 9.71 18.33 -2.09
CA LEU A 275 11.01 18.71 -1.55
C LEU A 275 11.76 17.42 -1.31
N TYR A 276 12.96 17.27 -1.85
CA TYR A 276 13.76 16.12 -1.52
C TYR A 276 15.12 16.66 -1.09
N ARG A 277 15.43 16.54 0.21
CA ARG A 277 16.68 17.05 0.74
C ARG A 277 16.91 18.51 0.34
N ASP A 278 17.90 18.76 -0.51
CA ASP A 278 18.19 20.13 -0.93
C ASP A 278 17.60 20.55 -2.28
N LYS A 279 16.70 19.74 -2.83
CA LYS A 279 16.05 20.03 -4.10
C LYS A 279 14.55 20.21 -3.96
N HIS A 280 14.01 20.94 -4.91
CA HIS A 280 12.61 21.21 -4.98
C HIS A 280 12.21 20.82 -6.41
N TYR A 281 11.16 20.01 -6.57
CA TYR A 281 10.83 19.53 -7.94
C TYR A 281 9.37 19.25 -8.20
N PHE A 282 9.00 19.24 -9.49
CA PHE A 282 7.63 19.06 -9.91
C PHE A 282 7.50 17.77 -10.71
N VAL A 283 6.40 17.07 -10.50
CA VAL A 283 6.20 15.77 -11.13
C VAL A 283 4.85 15.79 -11.83
N ARG A 284 4.78 15.22 -13.03
CA ARG A 284 3.47 15.10 -13.69
C ARG A 284 3.11 13.62 -13.80
N GLY A 285 1.99 13.20 -13.21
CA GLY A 285 1.55 11.82 -13.18
C GLY A 285 2.27 11.08 -12.06
N GLY A 286 1.94 9.80 -11.83
CA GLY A 286 2.53 9.00 -10.78
C GLY A 286 1.76 9.18 -9.48
N MET A 287 1.44 8.07 -8.78
CA MET A 287 0.74 8.18 -7.48
C MET A 287 1.79 8.46 -6.40
N PRO A 288 1.65 9.57 -5.66
CA PRO A 288 2.71 9.86 -4.67
C PRO A 288 2.51 9.06 -3.37
N SER A 289 2.99 7.82 -3.40
CA SER A 289 2.81 6.85 -2.30
C SER A 289 3.11 7.47 -0.95
N GLY A 290 2.13 7.43 -0.04
CA GLY A 290 2.36 7.99 1.28
C GLY A 290 1.35 9.08 1.64
N CYS A 291 0.82 9.78 0.64
CA CYS A 291 -0.20 10.81 0.86
C CYS A 291 -1.48 10.14 1.30
N SER A 292 -2.44 10.92 1.76
CA SER A 292 -3.72 10.38 2.19
C SER A 292 -4.41 9.58 1.06
N GLY A 293 -4.87 8.38 1.39
CA GLY A 293 -5.62 7.54 0.49
C GLY A 293 -4.90 6.91 -0.69
N THR A 294 -3.57 6.94 -0.73
CA THR A 294 -2.90 6.40 -1.90
C THR A 294 -3.19 4.91 -2.19
N SER A 295 -3.23 4.08 -1.15
CA SER A 295 -3.55 2.64 -1.32
C SER A 295 -4.95 2.48 -1.85
N ILE A 296 -5.89 3.23 -1.32
CA ILE A 296 -7.26 3.17 -1.84
C ILE A 296 -7.34 3.64 -3.30
N PHE A 297 -6.79 4.80 -3.59
CA PHE A 297 -6.84 5.34 -4.95
C PHE A 297 -6.06 4.44 -5.92
N ASN A 298 -4.93 3.89 -5.47
CA ASN A 298 -4.14 3.02 -6.33
C ASN A 298 -5.00 1.80 -6.70
N SER A 299 -5.73 1.30 -5.71
CA SER A 299 -6.61 0.13 -5.82
C SER A 299 -7.77 0.41 -6.81
N MET A 300 -8.38 1.57 -6.67
CA MET A 300 -9.49 1.97 -7.53
C MET A 300 -8.98 2.08 -8.96
N ILE A 301 -7.82 2.72 -9.14
CA ILE A 301 -7.24 2.87 -10.47
C ILE A 301 -6.95 1.48 -11.06
N ASN A 302 -6.42 0.56 -10.26
CA ASN A 302 -6.12 -0.81 -10.72
C ASN A 302 -7.41 -1.50 -11.25
N ASN A 303 -8.52 -1.26 -10.57
CA ASN A 303 -9.80 -1.78 -11.01
C ASN A 303 -10.17 -1.26 -12.39
N ILE A 304 -9.85 -0.01 -12.66
CA ILE A 304 -10.09 0.60 -13.97
C ILE A 304 -9.14 0.02 -15.01
N ILE A 305 -7.88 -0.10 -14.62
CA ILE A 305 -6.85 -0.61 -15.51
C ILE A 305 -7.16 -2.02 -16.01
N ILE A 306 -7.36 -2.95 -15.09
CA ILE A 306 -7.51 -4.32 -15.52
C ILE A 306 -8.72 -4.51 -16.42
N ARG A 307 -9.82 -3.83 -16.08
CA ARG A 307 -11.03 -3.91 -16.87
C ARG A 307 -10.72 -3.38 -18.26
N THR A 308 -9.93 -2.30 -18.29
CA THR A 308 -9.53 -1.65 -19.56
C THR A 308 -8.76 -2.62 -20.44
N LEU A 309 -7.78 -3.29 -19.87
CA LEU A 309 -6.97 -4.21 -20.65
C LEU A 309 -7.79 -5.42 -21.17
N MET A 310 -8.70 -5.93 -20.34
CA MET A 310 -9.53 -7.07 -20.75
C MET A 310 -10.49 -6.63 -21.85
N LEU A 311 -11.05 -5.44 -21.73
CA LEU A 311 -11.96 -4.97 -22.76
C LEU A 311 -11.21 -4.77 -24.06
N LYS A 312 -9.98 -4.33 -23.95
CA LYS A 312 -9.20 -4.05 -25.14
C LYS A 312 -8.77 -5.28 -25.87
N VAL A 313 -8.30 -6.27 -25.12
CA VAL A 313 -7.80 -7.51 -25.69
C VAL A 313 -8.91 -8.50 -26.01
N TYR A 314 -9.92 -8.59 -25.15
CA TYR A 314 -11.01 -9.54 -25.31
C TYR A 314 -12.32 -8.81 -25.53
N LYS A 315 -12.56 -8.46 -26.79
CA LYS A 315 -13.74 -7.74 -27.18
C LYS A 315 -15.03 -8.45 -26.76
N GLY A 316 -15.00 -9.77 -26.67
CA GLY A 316 -16.19 -10.48 -26.24
C GLY A 316 -16.26 -10.72 -24.73
N ILE A 317 -15.36 -10.11 -23.96
CA ILE A 317 -15.34 -10.32 -22.49
C ILE A 317 -16.65 -9.91 -21.84
N ASP A 318 -17.07 -10.65 -20.82
CA ASP A 318 -18.28 -10.22 -20.10
C ASP A 318 -17.83 -9.81 -18.70
N LEU A 319 -17.69 -8.51 -18.45
CA LEU A 319 -17.14 -8.03 -17.15
C LEU A 319 -17.97 -8.42 -15.93
N ASP A 320 -19.26 -8.70 -16.15
CA ASP A 320 -20.13 -9.10 -15.05
C ASP A 320 -19.71 -10.43 -14.47
N GLN A 321 -18.85 -11.16 -15.18
CA GLN A 321 -18.38 -12.47 -14.72
C GLN A 321 -16.93 -12.40 -14.22
N PHE A 322 -16.30 -11.24 -14.41
CA PHE A 322 -14.94 -10.97 -13.94
C PHE A 322 -15.03 -10.51 -12.46
N ARG A 323 -14.06 -10.94 -11.67
CA ARG A 323 -13.96 -10.53 -10.27
C ARG A 323 -12.51 -10.21 -10.00
N MET A 324 -12.26 -9.20 -9.18
CA MET A 324 -10.90 -8.90 -8.77
C MET A 324 -10.82 -8.23 -7.40
N ILE A 325 -9.70 -8.42 -6.74
CA ILE A 325 -9.44 -7.76 -5.46
C ILE A 325 -8.04 -7.18 -5.63
N ALA A 326 -7.90 -5.88 -5.42
CA ALA A 326 -6.61 -5.20 -5.49
C ALA A 326 -6.19 -4.63 -4.11
N TYR A 327 -4.90 -4.59 -3.84
CA TYR A 327 -4.37 -3.85 -2.69
C TYR A 327 -3.28 -2.97 -3.31
N GLY A 328 -3.64 -1.78 -3.79
CA GLY A 328 -2.71 -0.95 -4.55
C GLY A 328 -2.44 -1.65 -5.88
N ASP A 329 -1.17 -1.95 -6.14
CA ASP A 329 -0.73 -2.69 -7.33
C ASP A 329 -0.95 -4.21 -7.27
N ASP A 330 -1.02 -4.78 -6.07
CA ASP A 330 -1.18 -6.24 -5.87
C ASP A 330 -2.62 -6.64 -6.20
N VAL A 331 -2.78 -7.65 -7.06
CA VAL A 331 -4.11 -8.04 -7.52
C VAL A 331 -4.27 -9.53 -7.53
N ILE A 332 -5.47 -9.97 -7.22
CA ILE A 332 -5.83 -11.38 -7.38
C ILE A 332 -7.25 -11.29 -7.98
N ALA A 333 -7.46 -11.98 -9.09
CA ALA A 333 -8.72 -11.91 -9.84
C ALA A 333 -9.14 -13.26 -10.37
N SER A 334 -10.31 -13.29 -11.00
CA SER A 334 -10.73 -14.51 -11.65
C SER A 334 -11.73 -14.25 -12.77
N TYR A 335 -11.79 -15.21 -13.71
CA TYR A 335 -12.74 -15.13 -14.83
C TYR A 335 -13.18 -16.58 -15.16
N PRO A 336 -14.43 -16.79 -15.62
CA PRO A 336 -14.77 -18.21 -15.77
C PRO A 336 -14.01 -18.97 -16.88
N TRP A 337 -13.40 -18.23 -17.80
CA TRP A 337 -12.62 -18.85 -18.87
C TRP A 337 -11.16 -18.48 -18.68
N PRO A 338 -10.26 -19.29 -19.25
CA PRO A 338 -8.83 -18.94 -19.12
C PRO A 338 -8.54 -17.62 -19.80
N ILE A 339 -7.58 -16.87 -19.27
CA ILE A 339 -7.21 -15.55 -19.81
C ILE A 339 -5.69 -15.49 -19.98
N ASP A 340 -5.22 -14.95 -21.09
CA ASP A 340 -3.78 -14.92 -21.33
C ASP A 340 -3.24 -13.60 -20.81
N ALA A 341 -2.62 -13.66 -19.64
CA ALA A 341 -2.07 -12.45 -18.98
C ALA A 341 -0.91 -11.80 -19.74
N SER A 342 -0.20 -12.55 -20.58
CA SER A 342 0.88 -11.93 -21.36
C SER A 342 0.26 -10.98 -22.37
N LEU A 343 -0.92 -11.33 -22.84
CA LEU A 343 -1.60 -10.47 -23.78
C LEU A 343 -1.96 -9.17 -23.05
N LEU A 344 -2.54 -9.28 -21.86
CA LEU A 344 -2.93 -8.10 -21.05
C LEU A 344 -1.69 -7.23 -20.77
N ALA A 345 -0.57 -7.87 -20.50
CA ALA A 345 0.67 -7.13 -20.21
C ALA A 345 1.14 -6.29 -21.42
N GLU A 346 0.90 -6.78 -22.66
CA GLU A 346 1.33 -6.03 -23.85
C GLU A 346 0.38 -4.87 -23.99
N ALA A 347 -0.90 -5.10 -23.73
CA ALA A 347 -1.87 -4.02 -23.79
C ALA A 347 -1.52 -2.94 -22.74
N GLY A 348 -1.10 -3.38 -21.56
CA GLY A 348 -0.70 -2.50 -20.45
C GLY A 348 0.51 -1.67 -20.85
N LYS A 349 1.46 -2.31 -21.53
CA LYS A 349 2.63 -1.60 -22.01
C LYS A 349 2.27 -0.40 -22.89
N GLY A 350 1.24 -0.52 -23.72
CA GLY A 350 0.80 0.60 -24.53
C GLY A 350 0.26 1.71 -23.66
N TYR A 351 -0.07 1.38 -22.42
CA TYR A 351 -0.65 2.38 -21.52
C TYR A 351 0.37 2.87 -20.50
N GLY A 352 1.63 2.53 -20.74
CA GLY A 352 2.73 2.91 -19.87
C GLY A 352 2.82 2.09 -18.58
N LEU A 353 2.30 0.86 -18.57
CA LEU A 353 2.36 -0.01 -17.40
C LEU A 353 3.33 -1.17 -17.66
N ILE A 354 4.07 -1.59 -16.64
CA ILE A 354 4.98 -2.71 -16.75
C ILE A 354 4.46 -3.87 -15.92
N MET A 355 3.86 -4.86 -16.58
CA MET A 355 3.31 -6.04 -15.92
C MET A 355 4.21 -7.23 -16.24
N THR A 356 4.47 -8.05 -15.23
CA THR A 356 5.33 -9.22 -15.38
C THR A 356 4.63 -10.45 -14.77
N PRO A 357 5.19 -11.65 -14.97
CA PRO A 357 4.48 -12.77 -14.32
C PRO A 357 4.48 -12.65 -12.80
N ALA A 358 3.46 -13.23 -12.19
CA ALA A 358 3.30 -13.25 -10.74
C ALA A 358 4.52 -13.87 -10.06
N ASP A 359 4.98 -13.21 -9.00
CA ASP A 359 6.05 -13.74 -8.19
C ASP A 359 7.39 -14.01 -8.87
N LYS A 360 7.85 -13.03 -9.64
CA LYS A 360 9.13 -13.16 -10.29
C LYS A 360 9.21 -14.38 -11.16
N GLY A 361 8.06 -14.80 -11.70
CA GLY A 361 8.01 -15.92 -12.62
C GLY A 361 8.56 -15.48 -13.99
N GLU A 362 9.06 -16.44 -14.76
CA GLU A 362 9.62 -16.16 -16.07
C GLU A 362 8.54 -16.22 -17.14
N CYS A 363 7.46 -16.93 -16.82
CA CYS A 363 6.36 -17.08 -17.75
C CYS A 363 5.02 -16.75 -17.12
N PHE A 364 4.14 -16.16 -17.91
CA PHE A 364 2.79 -15.91 -17.43
C PHE A 364 2.14 -17.29 -17.34
N ASN A 365 2.51 -18.02 -16.29
CA ASN A 365 2.05 -19.41 -16.11
C ASN A 365 0.64 -19.49 -15.55
N GLU A 366 0.17 -20.70 -15.35
CA GLU A 366 -1.13 -20.87 -14.75
C GLU A 366 -0.99 -20.52 -13.26
N VAL A 367 -1.96 -19.76 -12.79
CA VAL A 367 -2.04 -19.38 -11.40
C VAL A 367 -3.03 -20.39 -10.84
N THR A 368 -2.61 -21.08 -9.77
CA THR A 368 -3.42 -22.09 -9.08
C THR A 368 -3.59 -21.63 -7.63
N TRP A 369 -4.48 -22.29 -6.89
CA TRP A 369 -4.67 -21.97 -5.48
C TRP A 369 -3.43 -22.44 -4.68
N THR A 370 -2.62 -23.29 -5.28
CA THR A 370 -1.38 -23.77 -4.64
C THR A 370 -0.27 -22.73 -4.73
N ASN A 371 -0.16 -22.10 -5.91
CA ASN A 371 0.93 -21.14 -6.11
C ASN A 371 0.53 -19.68 -5.98
N ALA A 372 -0.76 -19.40 -5.87
CA ALA A 372 -1.21 -18.00 -5.76
C ALA A 372 -0.72 -17.36 -4.44
N THR A 373 -0.28 -16.10 -4.51
CA THR A 373 0.02 -15.30 -3.32
C THR A 373 -0.71 -13.93 -3.42
N PHE A 374 -1.00 -13.32 -2.29
CA PHE A 374 -1.65 -11.99 -2.27
C PHE A 374 -1.14 -11.42 -0.95
N LEU A 375 -0.68 -10.18 -0.94
CA LEU A 375 -0.06 -9.60 0.26
C LEU A 375 1.03 -10.54 0.73
N LYS A 376 1.67 -11.18 -0.25
CA LYS A 376 2.81 -12.06 -0.01
C LYS A 376 2.42 -13.38 0.60
N ARG A 377 1.14 -13.55 0.89
CA ARG A 377 0.73 -14.78 1.54
C ARG A 377 0.13 -15.82 0.57
N TYR A 378 0.41 -17.10 0.86
CA TYR A 378 -0.21 -18.21 0.15
C TYR A 378 -1.58 -18.50 0.80
N PHE A 379 -2.31 -19.43 0.19
CA PHE A 379 -3.67 -19.82 0.62
C PHE A 379 -3.61 -21.34 0.87
N ARG A 380 -3.93 -21.74 2.10
CA ARG A 380 -3.94 -23.16 2.40
C ARG A 380 -5.16 -23.49 3.23
N ALA A 381 -6.04 -24.28 2.67
CA ALA A 381 -7.25 -24.72 3.35
C ALA A 381 -6.91 -25.44 4.64
N ASP A 382 -7.65 -25.13 5.70
CA ASP A 382 -7.44 -25.84 6.94
C ASP A 382 -7.79 -27.32 6.67
N GLU A 383 -6.99 -28.22 7.23
CA GLU A 383 -7.20 -29.67 7.13
C GLU A 383 -8.48 -30.13 7.82
N GLN A 384 -8.80 -29.55 8.96
CA GLN A 384 -9.98 -30.00 9.69
C GLN A 384 -11.26 -29.33 9.26
N TYR A 385 -11.20 -28.03 9.01
CA TYR A 385 -12.34 -27.22 8.56
C TYR A 385 -11.99 -26.64 7.16
N PRO A 386 -12.28 -27.41 6.11
CA PRO A 386 -11.84 -27.05 4.75
C PRO A 386 -12.34 -25.74 4.18
N PHE A 387 -13.43 -25.21 4.72
CA PHE A 387 -14.00 -23.95 4.29
C PHE A 387 -13.24 -22.75 4.90
N LEU A 388 -12.34 -23.03 5.84
CA LEU A 388 -11.50 -21.98 6.46
C LEU A 388 -10.14 -22.01 5.80
N VAL A 389 -9.63 -20.84 5.44
CA VAL A 389 -8.37 -20.79 4.70
C VAL A 389 -7.31 -20.01 5.47
N HIS A 390 -6.15 -20.62 5.64
CA HIS A 390 -5.05 -19.96 6.32
C HIS A 390 -4.33 -19.03 5.33
N PRO A 391 -4.08 -17.78 5.73
CA PRO A 391 -3.14 -16.90 5.01
C PRO A 391 -1.77 -17.44 5.42
N VAL A 392 -0.93 -17.83 4.46
CA VAL A 392 0.36 -18.39 4.84
C VAL A 392 1.55 -17.49 4.48
N MET A 393 2.03 -16.71 5.45
CA MET A 393 3.26 -15.94 5.20
C MET A 393 4.47 -16.91 5.20
N PRO A 394 5.27 -16.90 4.13
CA PRO A 394 6.42 -17.82 4.17
C PRO A 394 7.33 -17.62 5.41
N MET A 395 7.86 -18.73 5.93
CA MET A 395 8.76 -18.69 7.07
C MET A 395 10.04 -17.85 6.76
N LYS A 396 10.47 -17.91 5.51
CA LYS A 396 11.62 -17.12 5.03
C LYS A 396 11.42 -15.63 5.32
N ASP A 397 10.23 -15.10 5.03
CA ASP A 397 9.90 -13.70 5.30
C ASP A 397 9.83 -13.41 6.80
N ILE A 398 9.30 -14.34 7.55
CA ILE A 398 9.22 -14.17 9.00
C ILE A 398 10.64 -14.14 9.58
N HIS A 399 11.50 -15.01 9.07
CA HIS A 399 12.93 -15.02 9.44
C HIS A 399 13.66 -13.72 9.10
N GLU A 400 13.35 -13.13 7.94
CA GLU A 400 14.04 -11.91 7.50
C GLU A 400 13.70 -10.84 8.50
N SER A 401 12.44 -10.71 8.80
CA SER A 401 11.95 -9.68 9.72
C SER A 401 12.47 -9.79 11.16
N ILE A 402 12.52 -11.00 11.71
CA ILE A 402 12.91 -11.16 13.12
C ILE A 402 14.39 -10.81 13.39
N ARG A 403 15.21 -10.80 12.35
CA ARG A 403 16.65 -10.55 12.49
C ARG A 403 17.07 -9.11 12.62
N TRP A 404 16.12 -8.19 12.56
CA TRP A 404 16.43 -6.77 12.63
C TRP A 404 15.40 -6.06 13.48
N THR A 405 15.77 -4.87 13.95
CA THR A 405 14.83 -4.10 14.73
C THR A 405 15.14 -2.61 14.59
N LYS A 406 14.12 -1.79 14.65
CA LYS A 406 14.26 -0.33 14.62
C LYS A 406 14.21 0.19 16.07
N ASP A 407 13.77 -0.66 17.00
CA ASP A 407 13.70 -0.31 18.43
C ASP A 407 13.47 -1.56 19.27
N PRO A 408 14.53 -2.14 19.82
CA PRO A 408 14.48 -3.35 20.65
C PRO A 408 13.56 -3.22 21.87
N LYS A 409 13.11 -2.02 22.17
CA LYS A 409 12.17 -1.86 23.27
C LYS A 409 10.83 -2.47 22.91
N ASN A 410 10.63 -2.75 21.63
CA ASN A 410 9.36 -3.32 21.16
C ASN A 410 9.46 -4.79 20.81
N THR A 411 10.52 -5.44 21.28
CA THR A 411 10.75 -6.85 20.96
C THR A 411 9.51 -7.72 21.17
N GLN A 412 8.82 -7.48 22.28
CA GLN A 412 7.67 -8.30 22.61
C GLN A 412 6.56 -8.18 21.57
N ASP A 413 6.22 -6.97 21.17
CA ASP A 413 5.18 -6.79 20.16
C ASP A 413 5.61 -7.31 18.80
N HIS A 414 6.86 -7.06 18.45
CA HIS A 414 7.39 -7.48 17.18
C HIS A 414 7.30 -9.00 17.07
N VAL A 415 7.84 -9.69 18.08
CA VAL A 415 7.82 -11.15 18.06
C VAL A 415 6.43 -11.76 18.11
N ARG A 416 5.56 -11.17 18.92
CA ARG A 416 4.20 -11.67 19.05
C ARG A 416 3.52 -11.55 17.64
N SER A 417 3.69 -10.40 16.99
CA SER A 417 3.14 -10.21 15.63
C SER A 417 3.59 -11.29 14.69
N LEU A 418 4.87 -11.61 14.76
CA LEU A 418 5.43 -12.64 13.86
C LEU A 418 4.85 -14.00 14.18
N CYS A 419 4.55 -14.22 15.45
CA CYS A 419 3.99 -15.51 15.87
C CYS A 419 2.57 -15.64 15.27
N LEU A 420 1.79 -14.56 15.27
CA LEU A 420 0.44 -14.59 14.67
C LEU A 420 0.53 -14.92 13.18
N LEU A 421 1.67 -14.59 12.55
CA LEU A 421 1.87 -14.95 11.16
C LEU A 421 2.36 -16.38 11.06
N ALA A 422 3.38 -16.71 11.85
CA ALA A 422 4.04 -18.01 11.74
C ALA A 422 3.20 -19.27 11.89
N TRP A 423 2.32 -19.29 12.88
CA TRP A 423 1.53 -20.54 13.19
C TRP A 423 0.76 -21.10 12.01
N HIS A 424 0.36 -20.23 11.09
CA HIS A 424 -0.38 -20.69 9.92
C HIS A 424 0.45 -21.64 9.07
N ASN A 425 1.75 -21.68 9.32
CA ASN A 425 2.63 -22.55 8.57
C ASN A 425 2.59 -23.98 9.09
N GLY A 426 1.90 -24.20 10.20
CA GLY A 426 1.80 -25.55 10.74
C GLY A 426 2.45 -25.68 12.12
N GLU A 427 2.07 -26.73 12.83
CA GLU A 427 2.56 -26.97 14.19
C GLU A 427 4.05 -27.23 14.32
N HIS A 428 4.58 -28.09 13.47
CA HIS A 428 5.99 -28.39 13.48
C HIS A 428 6.86 -27.15 13.17
N GLU A 429 6.49 -26.37 12.15
CA GLU A 429 7.21 -25.14 11.78
C GLU A 429 7.12 -24.18 12.94
N TYR A 430 5.94 -24.08 13.53
CA TYR A 430 5.77 -23.18 14.67
C TYR A 430 6.63 -23.59 15.90
N GLU A 431 6.64 -24.87 16.24
CA GLU A 431 7.40 -25.25 17.43
C GLU A 431 8.89 -24.98 17.19
N GLU A 432 9.33 -25.18 15.96
CA GLU A 432 10.72 -24.91 15.62
C GLU A 432 11.07 -23.41 15.74
N PHE A 433 10.17 -22.54 15.26
CA PHE A 433 10.30 -21.08 15.34
C PHE A 433 10.43 -20.66 16.81
N ILE A 434 9.54 -21.16 17.64
CA ILE A 434 9.53 -20.93 19.08
C ILE A 434 10.82 -21.45 19.78
N ARG A 435 11.25 -22.64 19.41
CA ARG A 435 12.45 -23.25 19.98
C ARG A 435 13.66 -22.36 19.67
N LYS A 436 13.74 -21.89 18.44
CA LYS A 436 14.84 -20.99 18.02
C LYS A 436 14.77 -19.61 18.72
N ILE A 437 13.57 -19.09 18.92
CA ILE A 437 13.42 -17.82 19.65
C ILE A 437 13.94 -17.98 21.11
N ARG A 438 13.59 -19.09 21.72
CA ARG A 438 14.02 -19.38 23.09
C ARG A 438 15.47 -19.86 23.17
N SER A 439 16.18 -19.93 22.05
CA SER A 439 17.58 -20.35 22.10
C SER A 439 18.46 -19.16 22.52
N VAL A 440 17.85 -18.01 22.73
CA VAL A 440 18.55 -16.83 23.24
C VAL A 440 17.78 -16.36 24.46
N PRO A 441 18.48 -15.90 25.51
CA PRO A 441 17.76 -15.54 26.73
C PRO A 441 16.58 -14.56 26.55
N VAL A 442 16.71 -13.56 25.67
CA VAL A 442 15.60 -12.63 25.45
C VAL A 442 14.34 -13.42 25.09
N GLY A 443 14.48 -14.45 24.25
CA GLY A 443 13.38 -15.29 23.82
C GLY A 443 12.56 -15.92 24.94
N ARG A 444 13.22 -16.24 26.06
CA ARG A 444 12.54 -16.81 27.22
C ARG A 444 11.96 -15.77 28.16
N CYS A 445 12.14 -14.48 27.86
CA CYS A 445 11.55 -13.41 28.68
C CYS A 445 10.25 -12.91 28.07
N LEU A 446 9.89 -13.49 26.95
CA LEU A 446 8.71 -13.04 26.24
C LEU A 446 7.49 -13.95 26.44
N THR A 447 6.33 -13.33 26.37
CA THR A 447 5.06 -14.04 26.46
C THR A 447 4.73 -14.40 25.00
N LEU A 448 4.96 -15.65 24.62
CA LEU A 448 4.75 -16.10 23.26
C LEU A 448 3.50 -17.00 23.28
N PRO A 449 2.58 -16.87 22.28
CA PRO A 449 1.38 -17.73 22.36
C PRO A 449 1.63 -19.18 22.04
N ALA A 450 0.81 -20.02 22.67
CA ALA A 450 0.84 -21.45 22.42
C ALA A 450 0.16 -21.66 21.07
N PHE A 451 0.58 -22.66 20.33
CA PHE A 451 -0.04 -23.00 19.08
C PHE A 451 -1.53 -23.27 19.29
N SER A 452 -1.87 -24.02 20.34
CA SER A 452 -3.25 -24.43 20.55
C SER A 452 -4.10 -23.21 20.84
N THR A 453 -3.51 -22.24 21.51
CA THR A 453 -4.21 -20.98 21.79
C THR A 453 -4.44 -20.21 20.48
N LEU A 454 -3.42 -20.13 19.62
CA LEU A 454 -3.56 -19.42 18.32
C LEU A 454 -4.69 -20.07 17.50
N ARG A 455 -4.61 -21.39 17.38
CA ARG A 455 -5.59 -22.11 16.61
C ARG A 455 -6.99 -21.92 17.16
N ARG A 456 -7.11 -21.99 18.48
CA ARG A 456 -8.40 -21.86 19.10
C ARG A 456 -8.99 -20.51 18.86
N LYS A 457 -8.21 -19.46 19.12
CA LYS A 457 -8.72 -18.11 18.91
C LYS A 457 -9.04 -17.86 17.44
N TRP A 458 -8.30 -18.50 16.53
CA TRP A 458 -8.55 -18.29 15.09
C TRP A 458 -9.92 -18.91 14.73
N LEU A 459 -10.14 -20.17 15.12
CA LEU A 459 -11.41 -20.85 14.88
C LEU A 459 -12.57 -20.05 15.49
N ASP A 460 -12.41 -19.60 16.74
CA ASP A 460 -13.47 -18.78 17.34
C ASP A 460 -13.75 -17.45 16.68
N SER A 461 -12.73 -16.82 16.06
CA SER A 461 -12.94 -15.49 15.45
C SER A 461 -14.01 -15.51 14.35
N PHE A 462 -14.24 -16.65 13.72
CA PHE A 462 -15.25 -16.68 12.68
C PHE A 462 -16.67 -16.75 13.24
N HIS A 463 -16.82 -16.64 14.55
CA HIS A 463 -18.15 -16.77 15.16
C HIS A 463 -18.84 -15.45 15.44
N HIS A 464 -18.04 -14.41 15.50
CA HIS A 464 -18.46 -13.08 15.92
C HIS A 464 -18.75 -12.19 14.74
N HIS A 465 -20.03 -11.83 14.62
CA HIS A 465 -20.49 -10.97 13.56
C HIS A 465 -19.59 -9.76 13.38
N HIS A 466 -19.39 -9.38 12.13
CA HIS A 466 -18.58 -8.21 11.79
C HIS A 466 -19.41 -7.17 11.03
N HIS A 467 -19.34 -5.93 11.46
CA HIS A 467 -20.10 -4.85 10.83
C HIS A 467 -19.53 -4.44 9.46
N HIS A 468 -20.44 -4.25 8.49
CA HIS A 468 -20.08 -3.84 7.13
C HIS A 468 -20.86 -2.57 6.76
CL CL B . -12.81 -11.93 -27.50
CL CL C . -17.62 -11.06 8.30
CL CL D . 16.40 -20.01 9.95
CL CL E . -11.24 -8.28 6.65
CL CL F . 10.74 4.99 6.50
CL CL G . 9.72 -3.72 -5.08
S SO4 H . -15.87 -23.05 13.44
O1 SO4 H . -17.35 -23.27 13.38
O2 SO4 H . -15.39 -23.48 14.80
O3 SO4 H . -15.24 -23.87 12.42
O4 SO4 H . -15.53 -21.60 13.18
C ACT I . 21.27 10.30 10.16
O ACT I . 20.06 10.42 10.48
OXT ACT I . 21.58 10.49 8.98
CH3 ACT I . 22.37 9.94 11.14
C ACT J . 26.46 3.57 6.33
O ACT J . 26.07 4.05 5.24
OXT ACT J . 27.18 2.57 6.28
CH3 ACT J . 26.09 4.23 7.66
C ACT K . 4.82 -27.39 9.87
O ACT K . 4.16 -26.45 9.67
OXT ACT K . 4.86 -27.69 11.03
CH3 ACT K . 5.61 -28.04 8.72
C ACT L . -2.03 13.34 24.59
O ACT L . -2.97 13.11 23.84
OXT ACT L . -1.37 12.37 24.96
CH3 ACT L . -1.66 14.74 25.04
C ACT M . -5.11 13.00 -19.66
O ACT M . -6.22 12.52 -19.85
OXT ACT M . -4.13 12.58 -20.30
CH3 ACT M . -4.96 14.13 -18.66
C ACT N . -9.53 13.02 -21.84
O ACT N . -8.54 13.03 -22.56
OXT ACT N . -9.39 13.34 -20.65
CH3 ACT N . -10.88 12.63 -22.43
P1 POP O . 10.47 -5.85 -0.25
O1 POP O . 10.64 -4.73 -1.28
O2 POP O . 9.29 -6.86 -0.75
O3 POP O . 10.08 -4.89 0.91
O POP O . 11.94 -6.63 0.02
P2 POP O . 12.81 -6.68 -1.42
O4 POP O . 12.91 -8.15 -2.05
O5 POP O . 14.16 -6.02 -1.45
O6 POP O . 11.89 -6.14 -2.53
C1 GOL P . -5.17 2.67 4.80
O1 GOL P . -6.02 3.03 3.70
C2 GOL P . -4.00 1.66 4.53
O2 GOL P . -2.86 1.89 5.41
C3 GOL P . -3.36 1.58 3.16
O3 GOL P . -1.98 1.13 3.26
C1 GOL Q . -0.95 6.82 3.35
O1 GOL Q . -0.75 6.48 2.01
C2 GOL Q . -2.19 6.07 3.72
O2 GOL Q . -2.37 5.97 5.19
C3 GOL Q . -2.20 4.71 2.91
O3 GOL Q . -3.15 4.66 1.82
C1 GOL R . 10.13 -7.69 5.84
O1 GOL R . 10.67 -7.78 7.16
C2 GOL R . 11.05 -8.44 4.93
O2 GOL R . 10.85 -7.71 3.71
C3 GOL R . 10.40 -9.82 4.76
O3 GOL R . 10.98 -10.45 3.64
C1 GOL S . -9.33 -29.19 14.71
O1 GOL S . -8.63 -30.20 15.44
C2 GOL S . -9.81 -28.23 15.80
O2 GOL S . -8.76 -27.75 16.72
C3 GOL S . -10.99 -28.81 16.56
O3 GOL S . -11.84 -27.71 16.91
C1 GOL T . -5.46 -22.19 25.52
O1 GOL T . -6.43 -21.62 24.65
C2 GOL T . -4.95 -23.53 25.05
O2 GOL T . -3.61 -23.39 24.62
C3 GOL T . -5.73 -24.14 23.92
O3 GOL T . -7.08 -23.67 23.88
C1 GOL U . -6.55 -17.01 26.02
O1 GOL U . -6.07 -18.24 26.59
C2 GOL U . -7.92 -16.56 26.56
O2 GOL U . -8.98 -17.43 26.12
C3 GOL U . -8.27 -15.17 26.01
O3 GOL U . -9.59 -15.16 25.45
C1 GOL V . 0.09 -15.91 24.85
O1 GOL V . -0.55 -14.66 24.85
C2 GOL V . -1.06 -16.92 24.60
O2 GOL V . -2.14 -16.06 24.93
C3 GOL V . -1.01 -18.24 25.49
O3 GOL V . -0.85 -19.47 24.72
C1 GOL W . 4.57 -21.12 1.41
O1 GOL W . 5.62 -20.86 2.29
C2 GOL W . 3.72 -22.23 2.00
O2 GOL W . 4.67 -23.23 2.40
C3 GOL W . 2.97 -22.90 0.88
O3 GOL W . 3.97 -23.01 -0.14
C1 GOL X . -8.55 -22.21 -0.54
O1 GOL X . -7.44 -22.05 -1.33
C2 GOL X . -9.05 -23.55 -0.85
O2 GOL X . -8.16 -24.07 -1.82
C3 GOL X . -10.27 -23.20 -1.63
O3 GOL X . -9.65 -22.98 -2.88
C1 GOL Y . 15.48 -10.67 -5.37
O1 GOL Y . 16.83 -10.78 -5.85
C2 GOL Y . 14.78 -9.35 -5.81
O2 GOL Y . 15.46 -8.31 -5.16
C3 GOL Y . 13.34 -9.31 -5.24
O3 GOL Y . 13.19 -8.22 -4.32
C1 GOL Z . -3.79 -4.87 6.27
O1 GOL Z . -4.63 -5.46 5.33
C2 GOL Z . -2.50 -5.64 6.23
O2 GOL Z . -2.75 -6.89 5.61
C3 GOL Z . -1.78 -5.72 7.60
O3 GOL Z . -1.64 -7.06 8.18
C1 GOL AA . 4.96 -8.23 8.13
O1 GOL AA . 3.84 -8.61 7.29
C2 GOL AA . 6.31 -8.71 7.60
O2 GOL AA . 6.28 -9.35 6.32
C3 GOL AA . 6.77 -9.79 8.51
O3 GOL AA . 7.19 -10.78 7.59
C1 GOL BA . -6.99 22.07 -2.25
O1 GOL BA . -5.91 22.81 -2.74
C2 GOL BA . -7.10 21.00 -3.30
O2 GOL BA . -5.85 21.00 -4.01
C3 GOL BA . -8.32 21.32 -4.18
O3 GOL BA . -9.52 20.82 -3.53
C1 GOL CA . -5.09 15.59 -13.04
O1 GOL CA . -5.34 14.54 -12.09
C2 GOL CA . -4.94 14.92 -14.38
O2 GOL CA . -4.22 15.83 -15.23
C3 GOL CA . -6.30 14.49 -14.89
O3 GOL CA . -6.33 14.77 -16.31
C1 GOL DA . 17.61 15.79 -7.19
O1 GOL DA . 18.90 15.12 -7.01
C2 GOL DA . 16.48 14.84 -7.50
O2 GOL DA . 16.72 14.38 -8.83
C3 GOL DA . 15.24 15.66 -7.52
O3 GOL DA . 14.35 15.09 -8.47
C1 GOL EA . 21.93 11.60 1.48
O1 GOL EA . 20.98 10.55 1.81
C2 GOL EA . 22.75 11.54 0.15
O2 GOL EA . 22.68 12.83 -0.35
C3 GOL EA . 22.26 10.62 -0.97
O3 GOL EA . 21.13 11.15 -1.73
C1 GOL FA . -0.91 -23.96 6.17
O1 GOL FA . 0.18 -24.54 5.41
C2 GOL FA . -2.08 -24.89 6.59
O2 GOL FA . -1.88 -26.22 6.03
C3 GOL FA . -2.19 -24.87 8.11
O3 GOL FA . -1.01 -25.51 8.69
C1 GOL GA . 9.70 2.55 -6.06
O1 GOL GA . 8.71 1.60 -5.45
C2 GOL GA . 10.16 3.77 -5.20
O2 GOL GA . 8.99 4.37 -4.66
C3 GOL GA . 11.28 4.72 -5.80
O3 GOL GA . 12.61 4.24 -5.60
C1 GOL HA . 10.04 6.84 -8.75
O1 GOL HA . 11.23 5.96 -8.89
C2 GOL HA . 9.47 7.05 -7.28
O2 GOL HA . 9.00 5.89 -6.74
C3 GOL HA . 8.16 7.89 -7.22
O3 GOL HA . 7.18 7.40 -6.27
C1 GOL IA . 7.69 -2.63 -7.84
O1 GOL IA . 8.93 -2.71 -8.53
C2 GOL IA . 7.68 -1.35 -6.98
O2 GOL IA . 8.88 -1.27 -6.27
C3 GOL IA . 6.52 -1.26 -5.95
O3 GOL IA . 6.72 -0.20 -4.96
C1 GOL JA . -18.49 -14.42 -22.06
O1 GOL JA . -19.73 -13.82 -22.52
C2 GOL JA . -17.77 -15.10 -23.22
O2 GOL JA . -17.70 -14.15 -24.30
C3 GOL JA . -16.35 -15.48 -22.74
O3 GOL JA . -15.55 -14.29 -22.57
C1 GOL KA . -6.24 8.57 4.68
O1 GOL KA . -5.11 9.17 5.25
C2 GOL KA . -5.98 7.10 4.91
O2 GOL KA . -4.84 6.67 4.13
C3 GOL KA . -7.13 6.15 4.60
O3 GOL KA . -6.91 5.22 5.67
C1 GOL LA . 24.00 -12.36 7.99
O1 GOL LA . 23.55 -12.73 6.67
C2 GOL LA . 24.49 -10.91 7.94
O2 GOL LA . 25.50 -10.72 8.98
C3 GOL LA . 23.32 -9.88 7.99
O3 GOL LA . 23.69 -8.54 7.81
C1 GOL MA . -4.00 -28.14 7.96
O1 GOL MA . -4.04 -26.85 7.48
C2 GOL MA . -4.43 -27.85 9.37
O2 GOL MA . -4.09 -26.47 9.45
C3 GOL MA . -3.61 -28.65 10.40
O3 GOL MA . -2.43 -27.85 10.55
C1 GOL NA . -0.29 -29.11 11.80
O1 GOL NA . -0.46 -27.78 12.18
C2 GOL NA . 1.00 -29.08 11.04
O2 GOL NA . 0.71 -29.21 9.61
C3 GOL NA . 2.01 -30.09 11.64
O3 GOL NA . 3.25 -29.96 11.00
C1 GOL OA . -4.45 -19.29 -19.72
O1 GOL OA . -3.94 -18.81 -18.39
C2 GOL OA . -3.82 -18.66 -21.00
O2 GOL OA . -4.72 -18.61 -22.07
C3 GOL OA . -2.60 -19.36 -21.61
O3 GOL OA . -2.52 -18.89 -22.95
C1 GOL PA . 2.44 27.28 16.43
O1 GOL PA . 1.59 27.33 15.29
C2 GOL PA . 2.60 25.82 16.91
O2 GOL PA . 1.34 25.22 17.24
C3 GOL PA . 3.61 25.67 18.07
O3 GOL PA . 4.00 24.28 18.24
C1 GOL QA . 7.44 8.80 8.92
O1 GOL QA . 6.95 10.12 8.93
C2 GOL QA . 7.66 8.80 7.47
O2 GOL QA . 9.01 9.36 7.43
C3 GOL QA . 6.60 9.89 7.13
O3 GOL QA . 5.81 9.69 5.97
C1 GOL RA . 27.51 -1.80 4.61
O1 GOL RA . 26.48 -2.67 5.24
C2 GOL RA . 27.22 -0.31 4.88
O2 GOL RA . 27.78 0.06 6.15
C3 GOL RA . 25.72 0.01 4.68
O3 GOL RA . 25.25 1.28 5.15
C1 GOL SA . 23.02 -1.70 7.58
O1 GOL SA . 24.02 -0.87 8.17
C2 GOL SA . 23.38 -3.15 7.92
O2 GOL SA . 23.51 -3.30 9.37
C3 GOL SA . 24.71 -3.50 7.23
O3 GOL SA . 24.47 -4.42 6.19
#